data_5F25
#
_entry.id   5F25
#
_cell.length_a   71.038
_cell.length_b   125.017
_cell.length_c   29.941
_cell.angle_alpha   90.000
_cell.angle_beta   90.000
_cell.angle_gamma   90.000
#
_symmetry.space_group_name_H-M   'P 21 21 2'
#
loop_
_entity.id
_entity.type
_entity.pdbx_description
1 polymer BRD9
2 non-polymer 4-(1,5-dimethyl-6-oxidanylidene-pyridin-3-yl)benzamide
3 water water
#
_entity_poly.entity_id   1
_entity_poly.type   'polypeptide(L)'
_entity_poly.pdbx_seq_one_letter_code
;SMLKLSAENESTPIQQLLEHFLRQLQRKDPHGFFAFPVTDAIAPGYSMIIKHPMDFGTMKDKIVANEYKSVTEFKADFKL
MCDNAMTYNRPDTVYYKLAKKILHAGFKMMSKERLLALKRSMS
;
_entity_poly.pdbx_strand_id   A,B
#
# COMPACT_ATOMS: atom_id res chain seq x y z
N SER A 11 3.57 7.23 -7.08
CA SER A 11 3.95 5.99 -6.39
C SER A 11 3.30 4.76 -7.05
N THR A 12 3.94 3.59 -6.90
CA THR A 12 3.47 2.32 -7.44
C THR A 12 2.84 1.46 -6.32
N PRO A 13 2.00 0.43 -6.62
CA PRO A 13 1.43 -0.40 -5.53
C PRO A 13 2.49 -1.07 -4.64
N ILE A 14 3.62 -1.52 -5.23
CA ILE A 14 4.72 -2.14 -4.48
C ILE A 14 5.38 -1.14 -3.51
N GLN A 15 5.63 0.11 -3.98
CA GLN A 15 6.23 1.18 -3.18
C GLN A 15 5.36 1.51 -1.96
N GLN A 16 4.02 1.58 -2.16
CA GLN A 16 3.05 1.84 -1.09
C GLN A 16 3.04 0.71 -0.05
N LEU A 17 3.12 -0.56 -0.52
CA LEU A 17 3.15 -1.74 0.36
C LEU A 17 4.43 -1.77 1.18
N LEU A 18 5.59 -1.49 0.54
CA LEU A 18 6.88 -1.46 1.23
C LEU A 18 7.01 -0.28 2.20
N GLU A 19 6.42 0.88 1.86
CA GLU A 19 6.42 2.05 2.74
C GLU A 19 5.59 1.77 4.00
N HIS A 20 4.46 1.03 3.85
CA HIS A 20 3.60 0.61 4.96
C HIS A 20 4.42 -0.28 5.92
N PHE A 21 5.10 -1.31 5.36
CA PHE A 21 5.93 -2.21 6.16
C PHE A 21 7.05 -1.46 6.88
N LEU A 22 7.73 -0.55 6.16
CA LEU A 22 8.82 0.25 6.73
C LEU A 22 8.36 1.17 7.87
N ARG A 23 7.18 1.84 7.72
CA ARG A 23 6.63 2.72 8.74
C ARG A 23 6.33 1.96 10.03
N GLN A 24 5.72 0.75 9.89
CA GLN A 24 5.38 -0.10 11.03
C GLN A 24 6.64 -0.62 11.73
N LEU A 25 7.72 -0.84 10.97
CA LEU A 25 9.02 -1.29 11.50
C LEU A 25 9.70 -0.15 12.25
N GLN A 26 9.67 1.07 11.70
CA GLN A 26 10.28 2.26 12.31
C GLN A 26 9.61 2.67 13.63
N ARG A 27 8.31 2.32 13.81
CA ARG A 27 7.53 2.56 15.02
C ARG A 27 8.10 1.75 16.19
N LYS A 28 8.73 0.59 15.89
CA LYS A 28 9.35 -0.31 16.85
C LYS A 28 10.72 0.21 17.32
N ASP A 29 11.23 1.28 16.67
CA ASP A 29 12.50 1.95 17.00
C ASP A 29 12.21 3.45 17.29
N PRO A 30 11.60 3.79 18.46
CA PRO A 30 11.27 5.22 18.72
C PRO A 30 12.44 6.18 18.90
N HIS A 31 13.62 5.67 19.31
CA HIS A 31 14.81 6.50 19.52
C HIS A 31 15.61 6.75 18.23
N GLY A 32 15.22 6.08 17.14
CA GLY A 32 15.85 6.19 15.84
C GLY A 32 17.27 5.67 15.77
N PHE A 33 17.56 4.57 16.50
CA PHE A 33 18.89 3.95 16.49
C PHE A 33 19.22 3.35 15.12
N PHE A 34 18.19 2.90 14.38
CA PHE A 34 18.34 2.30 13.05
C PHE A 34 17.96 3.25 11.91
N ALA A 35 17.68 4.53 12.23
CA ALA A 35 17.26 5.54 11.25
C ALA A 35 18.31 5.92 10.21
N PHE A 36 19.60 5.98 10.59
CA PHE A 36 20.69 6.38 9.69
C PHE A 36 21.90 5.42 9.72
N PRO A 37 22.81 5.44 8.71
CA PRO A 37 23.97 4.51 8.74
C PRO A 37 24.86 4.69 9.98
N VAL A 38 25.42 3.58 10.47
CA VAL A 38 26.31 3.61 11.65
C VAL A 38 27.71 4.07 11.19
N THR A 39 28.16 5.22 11.69
CA THR A 39 29.48 5.76 11.36
C THR A 39 30.53 5.28 12.35
N ASP A 40 31.81 5.31 11.96
CA ASP A 40 32.93 4.90 12.82
C ASP A 40 33.11 5.84 14.02
N ALA A 41 32.66 7.11 13.90
CA ALA A 41 32.71 8.12 14.96
C ALA A 41 31.82 7.73 16.12
N ILE A 42 30.58 7.27 15.84
CA ILE A 42 29.63 6.83 16.86
C ILE A 42 29.92 5.42 17.39
N ALA A 43 30.44 4.54 16.52
CA ALA A 43 30.80 3.16 16.88
C ALA A 43 32.23 2.83 16.41
N PRO A 44 33.25 2.93 17.30
CA PRO A 44 34.64 2.65 16.87
C PRO A 44 34.84 1.27 16.26
N GLY A 45 35.56 1.24 15.13
CA GLY A 45 35.88 0.03 14.39
C GLY A 45 34.70 -0.67 13.72
N TYR A 46 33.58 0.05 13.50
CA TYR A 46 32.38 -0.51 12.88
C TYR A 46 32.65 -1.03 11.46
N SER A 47 33.27 -0.20 10.59
CA SER A 47 33.59 -0.54 9.20
C SER A 47 34.57 -1.71 9.07
N MET A 48 35.39 -1.94 10.12
CA MET A 48 36.37 -3.03 10.22
C MET A 48 35.64 -4.38 10.37
N ILE A 49 34.47 -4.38 11.03
CA ILE A 49 33.66 -5.57 11.34
C ILE A 49 32.48 -5.77 10.39
N ILE A 50 31.70 -4.70 10.12
CA ILE A 50 30.50 -4.76 9.27
C ILE A 50 30.84 -4.32 7.84
N LYS A 51 30.80 -5.30 6.91
CA LYS A 51 31.13 -5.09 5.50
C LYS A 51 29.94 -4.74 4.63
N HIS A 52 28.72 -5.13 5.04
CA HIS A 52 27.49 -4.84 4.30
C HIS A 52 26.53 -4.04 5.20
N PRO A 53 26.78 -2.72 5.41
CA PRO A 53 25.89 -1.96 6.30
C PRO A 53 24.50 -1.71 5.76
N MET A 54 23.52 -1.54 6.66
CA MET A 54 22.13 -1.27 6.30
C MET A 54 21.46 -0.48 7.42
N ASP A 55 20.47 0.35 7.06
CA ASP A 55 19.69 1.17 7.98
C ASP A 55 18.33 1.48 7.34
N PHE A 56 17.38 2.00 8.15
CA PHE A 56 16.03 2.33 7.68
C PHE A 56 16.01 3.43 6.60
N GLY A 57 16.91 4.41 6.71
CA GLY A 57 17.05 5.50 5.76
C GLY A 57 17.43 5.03 4.37
N THR A 58 18.42 4.12 4.28
CA THR A 58 18.88 3.50 3.03
C THR A 58 17.76 2.67 2.43
N MET A 59 16.98 1.97 3.30
CA MET A 59 15.83 1.18 2.87
C MET A 59 14.74 2.11 2.29
N LYS A 60 14.49 3.25 2.97
CA LYS A 60 13.53 4.29 2.53
C LYS A 60 13.95 4.84 1.17
N ASP A 61 15.27 5.11 0.98
CA ASP A 61 15.83 5.61 -0.28
C ASP A 61 15.66 4.57 -1.39
N LYS A 62 15.83 3.28 -1.07
CA LYS A 62 15.67 2.17 -2.02
C LYS A 62 14.21 1.99 -2.46
N ILE A 63 13.22 2.27 -1.57
CA ILE A 63 11.79 2.18 -1.92
C ILE A 63 11.48 3.32 -2.90
N VAL A 64 11.88 4.56 -2.54
CA VAL A 64 11.68 5.78 -3.34
C VAL A 64 12.28 5.63 -4.75
N ALA A 65 13.49 5.06 -4.86
CA ALA A 65 14.20 4.82 -6.12
C ALA A 65 13.66 3.59 -6.89
N ASN A 66 12.75 2.80 -6.26
CA ASN A 66 12.14 1.58 -6.81
C ASN A 66 13.21 0.49 -7.07
N GLU A 67 14.11 0.32 -6.09
CA GLU A 67 15.23 -0.64 -6.12
C GLU A 67 14.82 -2.05 -5.66
N TYR A 68 13.66 -2.18 -5.00
CA TYR A 68 13.18 -3.48 -4.54
C TYR A 68 12.22 -4.08 -5.57
N LYS A 69 12.57 -5.27 -6.07
CA LYS A 69 11.77 -6.01 -7.05
C LYS A 69 10.74 -6.91 -6.34
N SER A 70 10.96 -7.19 -5.04
CA SER A 70 10.08 -8.04 -4.23
C SER A 70 10.16 -7.70 -2.75
N VAL A 71 9.17 -8.17 -1.97
CA VAL A 71 9.15 -8.03 -0.51
C VAL A 71 10.31 -8.86 0.10
N THR A 72 10.67 -9.99 -0.55
CA THR A 72 11.78 -10.87 -0.16
C THR A 72 13.10 -10.09 -0.11
N GLU A 73 13.35 -9.21 -1.11
CA GLU A 73 14.54 -8.35 -1.17
C GLU A 73 14.53 -7.34 -0.02
N PHE A 74 13.36 -6.74 0.27
CA PHE A 74 13.16 -5.78 1.35
C PHE A 74 13.43 -6.47 2.70
N LYS A 75 12.86 -7.68 2.90
CA LYS A 75 13.05 -8.50 4.10
C LYS A 75 14.51 -8.85 4.32
N ALA A 76 15.26 -9.14 3.22
CA ALA A 76 16.69 -9.46 3.26
C ALA A 76 17.50 -8.26 3.78
N ASP A 77 17.16 -7.02 3.35
CA ASP A 77 17.83 -5.80 3.80
C ASP A 77 17.52 -5.54 5.28
N PHE A 78 16.26 -5.78 5.68
CA PHE A 78 15.83 -5.62 7.07
C PHE A 78 16.60 -6.61 7.97
N LYS A 79 16.70 -7.88 7.54
CA LYS A 79 17.43 -8.93 8.26
C LYS A 79 18.92 -8.58 8.36
N LEU A 80 19.51 -8.05 7.25
CA LEU A 80 20.91 -7.63 7.20
C LEU A 80 21.19 -6.55 8.25
N MET A 81 20.31 -5.53 8.32
CA MET A 81 20.40 -4.43 9.29
C MET A 81 20.42 -4.98 10.74
N CYS A 82 19.49 -5.91 11.04
CA CYS A 82 19.38 -6.52 12.37
C CYS A 82 20.57 -7.42 12.68
N ASP A 83 20.96 -8.28 11.70
CA ASP A 83 22.11 -9.18 11.85
C ASP A 83 23.40 -8.40 12.11
N ASN A 84 23.56 -7.24 11.43
CA ASN A 84 24.73 -6.37 11.61
C ASN A 84 24.85 -5.87 13.05
N ALA A 85 23.72 -5.38 13.61
CA ALA A 85 23.65 -4.90 14.98
C ALA A 85 23.95 -6.02 15.97
N MET A 86 23.47 -7.25 15.69
CA MET A 86 23.73 -8.40 16.55
C MET A 86 25.16 -8.93 16.43
N THR A 87 25.84 -8.67 15.29
CA THR A 87 27.24 -9.07 15.09
C THR A 87 28.19 -8.10 15.79
N TYR A 88 27.98 -6.78 15.60
CA TYR A 88 28.84 -5.76 16.18
C TYR A 88 28.67 -5.60 17.69
N ASN A 89 27.42 -5.52 18.15
CA ASN A 89 27.09 -5.27 19.56
C ASN A 89 26.96 -6.54 20.37
N ARG A 90 27.44 -6.52 21.63
CA ARG A 90 27.33 -7.67 22.53
C ARG A 90 25.87 -7.91 22.99
N PRO A 91 25.49 -9.15 23.40
CA PRO A 91 24.08 -9.43 23.73
C PRO A 91 23.39 -8.62 24.83
N ASP A 92 24.16 -8.06 25.77
CA ASP A 92 23.58 -7.27 26.87
C ASP A 92 23.46 -5.76 26.55
N THR A 93 23.68 -5.38 25.28
CA THR A 93 23.57 -3.98 24.83
C THR A 93 22.18 -3.63 24.33
N VAL A 94 21.82 -2.34 24.37
CA VAL A 94 20.54 -1.82 23.88
C VAL A 94 20.34 -2.13 22.38
N TYR A 95 21.39 -1.96 21.56
CA TYR A 95 21.36 -2.19 20.11
C TYR A 95 21.12 -3.64 19.72
N TYR A 96 21.80 -4.59 20.39
CA TYR A 96 21.61 -6.01 20.12
C TYR A 96 20.16 -6.42 20.47
N LYS A 97 19.71 -6.06 21.69
CA LYS A 97 18.36 -6.40 22.18
C LYS A 97 17.27 -5.86 21.26
N LEU A 98 17.41 -4.60 20.82
CA LEU A 98 16.44 -3.97 19.93
C LEU A 98 16.43 -4.64 18.55
N ALA A 99 17.62 -4.95 18.00
CA ALA A 99 17.75 -5.64 16.71
C ALA A 99 17.05 -7.01 16.74
N LYS A 100 17.24 -7.79 17.83
CA LYS A 100 16.63 -9.11 18.00
C LYS A 100 15.11 -9.01 18.06
N LYS A 101 14.59 -8.04 18.84
CA LYS A 101 13.17 -7.79 19.03
C LYS A 101 12.50 -7.40 17.71
N ILE A 102 13.08 -6.41 17.00
CA ILE A 102 12.55 -5.91 15.74
C ILE A 102 12.63 -6.93 14.60
N LEU A 103 13.71 -7.75 14.56
CA LEU A 103 13.86 -8.81 13.56
C LEU A 103 12.70 -9.81 13.67
N HIS A 104 12.41 -10.26 14.90
CA HIS A 104 11.34 -11.21 15.22
C HIS A 104 9.97 -10.61 14.83
N ALA A 105 9.71 -9.37 15.29
CA ALA A 105 8.47 -8.63 15.01
C ALA A 105 8.25 -8.40 13.51
N GLY A 106 9.33 -8.02 12.80
CA GLY A 106 9.30 -7.77 11.36
C GLY A 106 9.02 -9.00 10.53
N PHE A 107 9.63 -10.14 10.91
CA PHE A 107 9.41 -11.41 10.20
C PHE A 107 8.04 -12.03 10.46
N LYS A 108 7.37 -11.58 11.51
CA LYS A 108 5.99 -11.98 11.77
C LYS A 108 5.03 -11.16 10.92
N MET A 109 5.32 -9.88 10.83
CA MET A 109 4.54 -8.93 10.04
C MET A 109 4.60 -9.25 8.54
N MET A 110 5.80 -9.64 8.07
CA MET A 110 6.05 -9.96 6.66
C MET A 110 6.22 -11.47 6.47
N SER A 111 5.51 -12.28 7.28
CA SER A 111 5.58 -13.75 7.23
C SER A 111 4.98 -14.28 5.94
N LYS A 112 5.35 -15.52 5.56
CA LYS A 112 4.80 -16.19 4.37
C LYS A 112 3.28 -16.30 4.47
N GLU A 113 2.76 -16.53 5.70
CA GLU A 113 1.33 -16.60 5.99
C GLU A 113 0.64 -15.27 5.65
N ARG A 114 1.20 -14.15 6.16
CA ARG A 114 0.66 -12.81 5.93
C ARG A 114 0.78 -12.39 4.47
N LEU A 115 1.87 -12.79 3.79
CA LEU A 115 2.07 -12.47 2.38
C LEU A 115 1.14 -13.27 1.47
N LEU A 116 0.83 -14.54 1.85
CA LEU A 116 -0.11 -15.38 1.10
C LEU A 116 -1.53 -14.80 1.19
N ALA A 117 -1.92 -14.30 2.38
CA ALA A 117 -3.25 -13.67 2.60
C ALA A 117 -3.38 -12.41 1.75
N LEU A 118 -2.28 -11.63 1.62
CA LEU A 118 -2.25 -10.42 0.80
C LEU A 118 -2.32 -10.78 -0.69
N LYS A 119 -1.57 -11.83 -1.13
CA LYS A 119 -1.56 -12.32 -2.50
C LYS A 119 -2.96 -12.81 -2.91
N ARG A 120 -3.65 -13.52 -1.99
CA ARG A 120 -5.01 -14.03 -2.22
C ARG A 120 -6.03 -12.89 -2.36
N SER A 121 -5.81 -11.77 -1.63
CA SER A 121 -6.67 -10.60 -1.70
C SER A 121 -6.41 -9.77 -2.99
N MET A 122 -5.33 -10.07 -3.73
CA MET A 122 -5.00 -9.38 -4.98
C MET A 122 -5.69 -10.04 -6.20
N SER A 123 -6.42 -11.15 -5.96
CA SER A 123 -7.15 -11.88 -7.01
C SER A 123 -8.40 -11.11 -7.46
N GLU B 10 -3.80 2.65 12.64
CA GLU B 10 -3.69 1.22 12.31
C GLU B 10 -4.27 0.91 10.94
N SER B 11 -3.53 0.12 10.14
CA SER B 11 -3.93 -0.28 8.79
C SER B 11 -3.29 -1.62 8.39
N THR B 12 -3.95 -2.36 7.48
CA THR B 12 -3.48 -3.65 6.98
C THR B 12 -2.87 -3.47 5.57
N PRO B 13 -2.02 -4.40 5.06
CA PRO B 13 -1.46 -4.24 3.70
C PRO B 13 -2.52 -4.11 2.60
N ILE B 14 -3.62 -4.90 2.66
CA ILE B 14 -4.70 -4.82 1.66
C ILE B 14 -5.41 -3.47 1.70
N GLN B 15 -5.68 -2.93 2.92
CA GLN B 15 -6.29 -1.61 3.11
C GLN B 15 -5.41 -0.52 2.50
N GLN B 16 -4.07 -0.65 2.67
CA GLN B 16 -3.10 0.29 2.09
C GLN B 16 -3.10 0.21 0.56
N LEU B 17 -3.15 -1.02 0.00
CA LEU B 17 -3.20 -1.25 -1.45
C LEU B 17 -4.49 -0.66 -2.06
N LEU B 18 -5.64 -0.94 -1.43
CA LEU B 18 -6.92 -0.42 -1.93
C LEU B 18 -7.01 1.09 -1.78
N GLU B 19 -6.41 1.67 -0.72
CA GLU B 19 -6.36 3.13 -0.54
C GLU B 19 -5.54 3.77 -1.67
N HIS B 20 -4.45 3.10 -2.09
CA HIS B 20 -3.59 3.57 -3.20
C HIS B 20 -4.41 3.62 -4.50
N PHE B 21 -5.07 2.49 -4.84
CA PHE B 21 -5.91 2.41 -6.04
C PHE B 21 -7.01 3.45 -6.02
N LEU B 22 -7.68 3.63 -4.86
CA LEU B 22 -8.76 4.62 -4.72
C LEU B 22 -8.24 6.05 -4.94
N ARG B 23 -7.07 6.39 -4.33
CA ARG B 23 -6.46 7.71 -4.50
C ARG B 23 -6.18 8.02 -5.97
N GLN B 24 -5.61 7.03 -6.71
CA GLN B 24 -5.30 7.16 -8.13
C GLN B 24 -6.55 7.37 -8.98
N LEU B 25 -7.66 6.70 -8.62
CA LEU B 25 -8.94 6.86 -9.31
C LEU B 25 -9.55 8.22 -9.02
N GLN B 26 -9.49 8.66 -7.74
CA GLN B 26 -10.02 9.97 -7.33
C GLN B 26 -9.28 11.15 -7.96
N ARG B 27 -7.98 10.96 -8.31
CA ARG B 27 -7.16 11.97 -8.99
C ARG B 27 -7.70 12.26 -10.39
N LYS B 28 -8.36 11.27 -11.01
CA LYS B 28 -8.97 11.38 -12.34
C LYS B 28 -10.30 12.16 -12.28
N ASP B 29 -10.81 12.43 -11.06
CA ASP B 29 -12.06 13.17 -10.81
C ASP B 29 -11.73 14.38 -9.89
N PRO B 30 -11.04 15.43 -10.41
CA PRO B 30 -10.67 16.57 -9.55
C PRO B 30 -11.83 17.36 -8.95
N HIS B 31 -12.98 17.40 -9.65
CA HIS B 31 -14.16 18.13 -9.19
C HIS B 31 -15.01 17.38 -8.17
N GLY B 32 -14.66 16.12 -7.91
CA GLY B 32 -15.34 15.27 -6.94
C GLY B 32 -16.76 14.91 -7.30
N PHE B 33 -17.06 14.77 -8.62
CA PHE B 33 -18.41 14.38 -9.07
C PHE B 33 -18.79 13.00 -8.52
N PHE B 34 -17.80 12.11 -8.35
CA PHE B 34 -18.01 10.74 -7.87
C PHE B 34 -17.68 10.56 -6.39
N ALA B 35 -17.40 11.67 -5.67
CA ALA B 35 -17.02 11.62 -4.25
C ALA B 35 -18.12 11.21 -3.28
N PHE B 36 -19.39 11.55 -3.57
CA PHE B 36 -20.52 11.28 -2.66
C PHE B 36 -21.75 10.74 -3.39
N PRO B 37 -22.74 10.13 -2.69
CA PRO B 37 -23.94 9.62 -3.39
C PRO B 37 -24.71 10.71 -4.12
N VAL B 38 -25.29 10.35 -5.27
CA VAL B 38 -26.09 11.26 -6.08
C VAL B 38 -27.47 11.35 -5.41
N THR B 39 -27.94 12.58 -5.16
CA THR B 39 -29.25 12.80 -4.54
C THR B 39 -30.30 13.09 -5.60
N ASP B 40 -31.57 12.74 -5.33
CA ASP B 40 -32.68 12.99 -6.25
C ASP B 40 -32.91 14.49 -6.46
N ALA B 41 -32.53 15.34 -5.47
CA ALA B 41 -32.67 16.80 -5.54
C ALA B 41 -31.82 17.41 -6.67
N ILE B 42 -30.66 16.81 -6.97
CA ILE B 42 -29.77 17.27 -8.05
C ILE B 42 -30.01 16.46 -9.34
N ALA B 43 -30.53 15.23 -9.21
CA ALA B 43 -30.77 14.31 -10.33
C ALA B 43 -32.15 13.65 -10.23
N PRO B 44 -33.20 14.28 -10.81
CA PRO B 44 -34.56 13.70 -10.74
C PRO B 44 -34.68 12.23 -11.14
N GLY B 45 -35.39 11.46 -10.31
CA GLY B 45 -35.62 10.04 -10.52
C GLY B 45 -34.43 9.11 -10.35
N TYR B 46 -33.29 9.63 -9.83
CA TYR B 46 -32.07 8.84 -9.65
C TYR B 46 -32.27 7.56 -8.85
N SER B 47 -32.94 7.64 -7.69
CA SER B 47 -33.18 6.49 -6.80
C SER B 47 -34.02 5.37 -7.41
N MET B 48 -34.83 5.70 -8.44
CA MET B 48 -35.66 4.71 -9.12
C MET B 48 -34.90 4.06 -10.28
N ILE B 49 -34.09 4.85 -11.01
CA ILE B 49 -33.31 4.39 -12.17
C ILE B 49 -32.08 3.60 -11.70
N ILE B 50 -31.43 4.09 -10.63
CA ILE B 50 -30.22 3.50 -10.06
C ILE B 50 -30.55 2.82 -8.74
N LYS B 51 -30.80 1.50 -8.79
CA LYS B 51 -31.16 0.70 -7.62
C LYS B 51 -29.96 0.27 -6.79
N HIS B 52 -28.75 0.36 -7.37
CA HIS B 52 -27.51 -0.01 -6.72
C HIS B 52 -26.53 1.16 -6.74
N PRO B 53 -26.79 2.24 -5.94
CA PRO B 53 -25.88 3.39 -5.97
C PRO B 53 -24.50 3.07 -5.44
N MET B 54 -23.50 3.79 -5.95
CA MET B 54 -22.11 3.65 -5.53
C MET B 54 -21.38 4.96 -5.77
N ASP B 55 -20.39 5.24 -4.93
CA ASP B 55 -19.58 6.45 -5.00
C ASP B 55 -18.25 6.17 -4.30
N PHE B 56 -17.25 7.03 -4.56
CA PHE B 56 -15.92 6.90 -3.96
C PHE B 56 -15.91 6.94 -2.43
N GLY B 57 -16.81 7.73 -1.84
CA GLY B 57 -16.96 7.84 -0.39
C GLY B 57 -17.37 6.53 0.26
N THR B 58 -18.36 5.85 -0.35
CA THR B 58 -18.83 4.53 0.10
C THR B 58 -17.69 3.51 -0.02
N MET B 59 -16.93 3.58 -1.12
CA MET B 59 -15.77 2.70 -1.33
C MET B 59 -14.71 2.94 -0.26
N LYS B 60 -14.41 4.21 0.06
CA LYS B 60 -13.47 4.59 1.13
C LYS B 60 -13.92 4.00 2.47
N ASP B 61 -15.22 4.14 2.80
CA ASP B 61 -15.81 3.62 4.04
C ASP B 61 -15.70 2.11 4.15
N LYS B 62 -15.87 1.39 3.02
CA LYS B 62 -15.74 -0.07 2.96
C LYS B 62 -14.29 -0.49 3.21
N ILE B 63 -13.31 0.29 2.68
CA ILE B 63 -11.87 0.03 2.91
C ILE B 63 -11.58 0.18 4.42
N VAL B 64 -12.02 1.30 5.03
CA VAL B 64 -11.84 1.61 6.45
C VAL B 64 -12.47 0.52 7.36
N ALA B 65 -13.68 0.05 6.99
CA ALA B 65 -14.39 -1.00 7.72
C ALA B 65 -13.86 -2.42 7.41
N ASN B 66 -12.85 -2.53 6.51
CA ASN B 66 -12.21 -3.78 6.05
C ASN B 66 -13.27 -4.74 5.46
N GLU B 67 -14.17 -4.16 4.63
CA GLU B 67 -15.28 -4.88 3.99
C GLU B 67 -14.89 -5.55 2.66
N TYR B 68 -13.72 -5.20 2.09
CA TYR B 68 -13.25 -5.80 0.84
C TYR B 68 -12.34 -6.99 1.09
N LYS B 69 -12.74 -8.15 0.56
CA LYS B 69 -11.96 -9.40 0.67
C LYS B 69 -10.94 -9.48 -0.46
N SER B 70 -11.20 -8.79 -1.59
CA SER B 70 -10.31 -8.82 -2.75
C SER B 70 -10.33 -7.54 -3.59
N VAL B 71 -9.35 -7.42 -4.49
CA VAL B 71 -9.28 -6.31 -5.46
C VAL B 71 -10.47 -6.47 -6.44
N THR B 72 -10.85 -7.74 -6.75
CA THR B 72 -12.01 -8.03 -7.62
C THR B 72 -13.29 -7.37 -7.08
N GLU B 73 -13.55 -7.48 -5.75
CA GLU B 73 -14.72 -6.86 -5.10
C GLU B 73 -14.64 -5.33 -5.20
N PHE B 74 -13.43 -4.76 -5.01
CA PHE B 74 -13.18 -3.32 -5.12
C PHE B 74 -13.47 -2.85 -6.55
N LYS B 75 -12.93 -3.57 -7.54
CA LYS B 75 -13.14 -3.29 -8.97
C LYS B 75 -14.62 -3.35 -9.35
N ALA B 76 -15.38 -4.30 -8.75
CA ALA B 76 -16.82 -4.47 -9.00
C ALA B 76 -17.60 -3.25 -8.55
N ASP B 77 -17.22 -2.65 -7.40
CA ASP B 77 -17.85 -1.43 -6.90
C ASP B 77 -17.52 -0.26 -7.80
N PHE B 78 -16.26 -0.16 -8.27
CA PHE B 78 -15.82 0.90 -9.18
C PHE B 78 -16.58 0.82 -10.50
N LYS B 79 -16.71 -0.39 -11.05
CA LYS B 79 -17.46 -0.63 -12.29
C LYS B 79 -18.92 -0.23 -12.10
N LEU B 80 -19.55 -0.64 -10.96
CA LEU B 80 -20.94 -0.28 -10.66
C LEU B 80 -21.13 1.24 -10.68
N MET B 81 -20.21 1.98 -10.03
CA MET B 81 -20.27 3.43 -9.98
C MET B 81 -20.25 4.06 -11.40
N CYS B 82 -19.30 3.64 -12.25
CA CYS B 82 -19.18 4.16 -13.61
C CYS B 82 -20.38 3.78 -14.46
N ASP B 83 -20.83 2.50 -14.34
CA ASP B 83 -22.00 2.00 -15.07
C ASP B 83 -23.24 2.80 -14.72
N ASN B 84 -23.44 3.12 -13.42
CA ASN B 84 -24.57 3.92 -12.95
C ASN B 84 -24.60 5.28 -13.66
N ALA B 85 -23.44 5.95 -13.73
CA ALA B 85 -23.30 7.25 -14.38
C ALA B 85 -23.55 7.17 -15.88
N MET B 86 -23.16 6.06 -16.52
CA MET B 86 -23.36 5.84 -17.96
C MET B 86 -24.77 5.36 -18.31
N THR B 87 -25.57 5.02 -17.28
CA THR B 87 -26.96 4.59 -17.40
C THR B 87 -27.89 5.78 -17.20
N TYR B 88 -27.70 6.53 -16.11
CA TYR B 88 -28.56 7.67 -15.79
C TYR B 88 -28.33 8.87 -16.72
N ASN B 89 -27.06 9.22 -16.96
CA ASN B 89 -26.70 10.39 -17.75
C ASN B 89 -26.63 10.13 -19.24
N ARG B 90 -27.02 11.15 -20.03
CA ARG B 90 -27.00 11.09 -21.49
C ARG B 90 -25.54 11.12 -21.98
N PRO B 91 -25.21 10.50 -23.14
CA PRO B 91 -23.80 10.46 -23.59
C PRO B 91 -23.03 11.78 -23.76
N ASP B 92 -23.72 12.91 -23.95
CA ASP B 92 -23.06 14.21 -24.14
C ASP B 92 -22.77 14.98 -22.84
N THR B 93 -23.05 14.38 -21.67
CA THR B 93 -22.84 15.01 -20.36
C THR B 93 -21.44 14.82 -19.81
N VAL B 94 -21.02 15.73 -18.90
CA VAL B 94 -19.72 15.66 -18.22
C VAL B 94 -19.60 14.36 -17.40
N TYR B 95 -20.70 13.94 -16.73
CA TYR B 95 -20.76 12.74 -15.88
C TYR B 95 -20.56 11.46 -16.67
N TYR B 96 -21.24 11.32 -17.83
CA TYR B 96 -21.11 10.14 -18.69
C TYR B 96 -19.68 10.04 -19.23
N LYS B 97 -19.17 11.12 -19.84
CA LYS B 97 -17.83 11.20 -20.45
C LYS B 97 -16.73 10.87 -19.45
N LEU B 98 -16.81 11.45 -18.24
CA LEU B 98 -15.82 11.20 -17.19
C LEU B 98 -15.90 9.74 -16.71
N ALA B 99 -17.13 9.21 -16.52
CA ALA B 99 -17.32 7.82 -16.08
C ALA B 99 -16.70 6.84 -17.07
N LYS B 100 -16.86 7.09 -18.40
CA LYS B 100 -16.30 6.26 -19.46
C LYS B 100 -14.78 6.29 -19.42
N LYS B 101 -14.20 7.49 -19.31
CA LYS B 101 -12.76 7.72 -19.25
C LYS B 101 -12.16 7.01 -18.04
N ILE B 102 -12.76 7.20 -16.85
CA ILE B 102 -12.27 6.60 -15.61
C ILE B 102 -12.45 5.08 -15.51
N LEU B 103 -13.55 4.53 -16.07
CA LEU B 103 -13.80 3.09 -16.07
C LEU B 103 -12.67 2.34 -16.82
N HIS B 104 -12.35 2.80 -18.04
CA HIS B 104 -11.31 2.17 -18.85
C HIS B 104 -9.90 2.34 -18.27
N ALA B 105 -9.59 3.55 -17.76
CA ALA B 105 -8.30 3.84 -17.13
C ALA B 105 -8.12 3.03 -15.83
N GLY B 106 -9.20 2.93 -15.04
CA GLY B 106 -9.22 2.17 -13.79
C GLY B 106 -9.03 0.68 -13.99
N PHE B 107 -9.73 0.13 -15.00
CA PHE B 107 -9.61 -1.29 -15.34
C PHE B 107 -8.23 -1.67 -15.89
N LYS B 108 -7.53 -0.72 -16.53
CA LYS B 108 -6.18 -0.97 -17.04
C LYS B 108 -5.18 -0.91 -15.87
N MET B 109 -5.39 0.02 -14.92
CA MET B 109 -4.56 0.19 -13.73
C MET B 109 -4.65 -1.05 -12.80
N MET B 110 -5.83 -1.68 -12.74
CA MET B 110 -6.10 -2.86 -11.92
C MET B 110 -6.33 -4.10 -12.78
N SER B 111 -5.64 -4.17 -13.93
CA SER B 111 -5.76 -5.29 -14.87
C SER B 111 -5.25 -6.59 -14.27
N LYS B 112 -5.73 -7.73 -14.81
CA LYS B 112 -5.32 -9.07 -14.40
C LYS B 112 -3.79 -9.22 -14.46
N GLU B 113 -3.17 -8.67 -15.52
CA GLU B 113 -1.71 -8.71 -15.71
C GLU B 113 -0.95 -7.87 -14.69
N ARG B 114 -1.48 -6.68 -14.31
CA ARG B 114 -0.84 -5.80 -13.32
C ARG B 114 -0.95 -6.39 -11.91
N LEU B 115 -2.09 -7.04 -11.60
CA LEU B 115 -2.30 -7.70 -10.31
C LEU B 115 -1.45 -8.96 -10.17
N LEU B 116 -1.24 -9.69 -11.30
CA LEU B 116 -0.39 -10.89 -11.35
C LEU B 116 1.07 -10.50 -11.10
N ALA B 117 1.50 -9.34 -11.63
CA ALA B 117 2.85 -8.79 -11.45
C ALA B 117 3.05 -8.34 -10.00
N LEU B 118 1.98 -7.81 -9.37
CA LEU B 118 1.99 -7.37 -7.97
C LEU B 118 2.02 -8.60 -7.05
N LYS B 119 1.31 -9.69 -7.44
CA LYS B 119 1.30 -10.96 -6.70
C LYS B 119 2.71 -11.57 -6.72
N ARG B 120 3.41 -11.45 -7.87
CA ARG B 120 4.79 -11.91 -8.09
C ARG B 120 5.75 -11.19 -7.13
N SER B 121 5.57 -9.86 -6.94
CA SER B 121 6.38 -9.03 -6.04
C SER B 121 6.09 -9.34 -4.56
N MET B 122 4.99 -10.09 -4.28
CA MET B 122 4.47 -10.53 -2.98
C MET B 122 4.25 -9.40 -1.98
#